data_5JX7
#
_entry.id   5JX7
#
_cell.length_a   85.310
_cell.length_b   47.590
_cell.length_c   100.714
_cell.angle_alpha   90.00
_cell.angle_beta   113.83
_cell.angle_gamma   90.00
#
_symmetry.space_group_name_H-M   'C 1 2 1'
#
loop_
_entity.id
_entity.type
_entity.pdbx_description
1 polymer 'Arsenic methyltransferase'
2 non-polymer 'CALCIUM ION'
3 water water
#
_entity_poly.entity_id   1
_entity_poly.type   'polypeptide(L)'
_entity_poly.pdbx_seq_one_letter_code
;MPCSCASGCQKSKNGGSTPSIRDHVADYYGKTLQSSADLKTSACKLAAAVPESHRKILADIADEVLEKFYGCGSTLPADG
SLEGATVLDLGCGTGRDVYLASKLVGEHGKVIGVDMLDNQLEVARKYVEYHAEKFFGSPSRSNVRFLKGFIENLATAEPE
GVPDSSVDIVISNCVCNLSTNKLALFKEIHRVLRDGGELYFSDVYADRRLSEAAQQDPILYGECLGGALYLEDFRRLVAE
AGFRDVRLVSVGPVDVSDPQLRKLVPDVQFYSCTFRCFKVATLEATREDYGQSATYLGGIGEEFKLDRFFTFPREKPVRV
DRNTAEIIRHSRLHQWFSVSAEQQHMGLFKANDSYALLHAPLSMQVEQLVSHHHHHH
;
_entity_poly.pdbx_strand_id   A
#
loop_
_chem_comp.id
_chem_comp.type
_chem_comp.name
_chem_comp.formula
CA non-polymer 'CALCIUM ION' 'Ca 2'
#
# COMPACT_ATOMS: atom_id res chain seq x y z
N ALA A 49 14.10 -8.04 4.38
CA ALA A 49 13.04 -8.72 3.57
C ALA A 49 12.54 -9.96 4.32
N VAL A 50 11.28 -10.31 4.09
CA VAL A 50 10.62 -11.54 4.58
C VAL A 50 10.51 -11.72 6.11
N PRO A 51 9.49 -11.09 6.72
CA PRO A 51 9.27 -11.23 8.16
C PRO A 51 9.12 -12.69 8.56
N GLU A 52 9.63 -13.06 9.72
CA GLU A 52 9.54 -14.43 10.25
C GLU A 52 8.16 -15.10 10.08
N SER A 53 7.09 -14.38 10.38
CA SER A 53 5.71 -14.92 10.32
C SER A 53 5.29 -15.40 8.92
N HIS A 54 5.83 -14.74 7.90
CA HIS A 54 5.59 -15.15 6.53
C HIS A 54 6.40 -16.38 6.10
N ARG A 55 7.57 -16.54 6.70
CA ARG A 55 8.58 -17.53 6.29
C ARG A 55 8.00 -18.95 6.21
N LYS A 56 7.22 -19.32 7.22
CA LYS A 56 6.60 -20.62 7.28
C LYS A 56 5.56 -20.78 6.17
N ILE A 57 4.73 -19.77 5.99
CA ILE A 57 3.71 -19.82 4.97
C ILE A 57 4.34 -19.91 3.58
N LEU A 58 5.46 -19.21 3.32
CA LEU A 58 6.13 -19.31 2.02
C LEU A 58 6.67 -20.74 1.78
N ALA A 59 7.29 -21.33 2.80
CA ALA A 59 7.74 -22.74 2.76
C ALA A 59 6.60 -23.67 2.32
N ASP A 60 5.37 -23.28 2.63
CA ASP A 60 4.23 -24.05 2.17
C ASP A 60 3.75 -23.78 0.77
N ILE A 61 4.19 -22.70 0.15
CA ILE A 61 3.61 -22.31 -1.12
C ILE A 61 4.29 -23.08 -2.25
N ALA A 62 3.51 -23.54 -3.22
CA ALA A 62 3.99 -24.36 -4.33
C ALA A 62 5.23 -23.76 -5.00
N ASP A 63 6.25 -24.59 -5.15
CA ASP A 63 7.57 -24.12 -5.57
C ASP A 63 7.51 -23.46 -6.97
N GLU A 64 6.67 -23.95 -7.89
CA GLU A 64 6.54 -23.33 -9.23
C GLU A 64 6.06 -21.84 -9.15
N VAL A 65 5.23 -21.55 -8.15
CA VAL A 65 4.74 -20.21 -7.94
C VAL A 65 5.91 -19.36 -7.55
N LEU A 66 6.75 -19.83 -6.63
CA LEU A 66 7.88 -19.00 -6.17
C LEU A 66 9.00 -18.88 -7.21
N GLU A 67 9.34 -20.00 -7.82
CA GLU A 67 10.40 -20.04 -8.80
C GLU A 67 10.09 -19.04 -9.92
N LYS A 68 8.83 -19.00 -10.36
CA LYS A 68 8.51 -18.14 -11.51
C LYS A 68 7.96 -16.73 -11.15
N PHE A 69 7.85 -16.37 -9.88
CA PHE A 69 7.35 -15.06 -9.53
C PHE A 69 8.32 -13.92 -10.00
N TYR A 70 7.80 -12.95 -10.74
CA TYR A 70 8.58 -11.78 -11.19
C TYR A 70 8.38 -10.63 -10.21
N GLY A 71 9.49 -10.10 -9.67
CA GLY A 71 9.47 -8.90 -8.83
C GLY A 71 9.78 -9.12 -7.36
N CYS A 72 9.71 -8.01 -6.60
CA CYS A 72 9.69 -8.04 -5.14
C CYS A 72 8.26 -8.33 -4.71
N GLY A 73 8.12 -8.86 -3.51
CA GLY A 73 6.80 -9.04 -2.91
C GLY A 73 6.19 -7.70 -2.46
N SER A 74 4.88 -7.61 -2.62
CA SER A 74 4.07 -6.60 -1.97
C SER A 74 4.12 -6.69 -0.45
N THR A 75 4.54 -5.61 0.21
CA THR A 75 4.47 -5.57 1.65
C THR A 75 3.02 -5.46 2.06
N LEU A 76 2.77 -6.01 3.24
CA LEU A 76 1.46 -6.07 3.81
C LEU A 76 1.44 -5.36 5.18
N PRO A 77 0.27 -4.82 5.55
CA PRO A 77 0.08 -4.31 6.89
C PRO A 77 0.20 -5.42 7.90
N ALA A 78 0.31 -5.05 9.19
CA ALA A 78 0.40 -6.03 10.29
C ALA A 78 -0.57 -7.22 10.09
N ASP A 79 -0.02 -8.41 10.20
CA ASP A 79 -0.72 -9.66 9.88
C ASP A 79 -2.08 -9.77 10.50
N GLY A 80 -2.15 -9.50 11.79
CA GLY A 80 -3.42 -9.56 12.50
C GLY A 80 -4.49 -8.65 11.94
N SER A 81 -4.06 -7.51 11.40
CA SER A 81 -5.01 -6.55 10.82
C SER A 81 -5.66 -7.05 9.54
N LEU A 82 -5.22 -8.21 9.05
CA LEU A 82 -5.71 -8.73 7.77
CA LEU A 82 -5.70 -8.72 7.79
C LEU A 82 -6.85 -9.71 7.93
N GLU A 83 -7.06 -10.24 9.13
CA GLU A 83 -8.10 -11.26 9.32
C GLU A 83 -9.48 -10.82 8.79
N GLY A 84 -10.12 -11.65 7.96
CA GLY A 84 -11.38 -11.27 7.32
C GLY A 84 -11.34 -10.22 6.22
N ALA A 85 -10.16 -9.63 5.94
CA ALA A 85 -10.12 -8.57 4.93
C ALA A 85 -10.29 -9.13 3.55
N THR A 86 -10.84 -8.33 2.65
CA THR A 86 -10.73 -8.54 1.23
C THR A 86 -9.49 -7.79 0.70
N VAL A 87 -8.55 -8.49 0.09
CA VAL A 87 -7.25 -7.90 -0.34
C VAL A 87 -7.10 -8.01 -1.84
N LEU A 88 -6.61 -6.97 -2.49
CA LEU A 88 -6.35 -7.01 -3.93
C LEU A 88 -4.90 -6.61 -4.25
N ASP A 89 -4.22 -7.50 -4.98
CA ASP A 89 -2.85 -7.33 -5.38
C ASP A 89 -2.81 -7.00 -6.84
N LEU A 90 -2.34 -5.80 -7.13
CA LEU A 90 -2.20 -5.33 -8.51
C LEU A 90 -0.88 -5.82 -9.09
N GLY A 91 -0.94 -6.52 -10.21
CA GLY A 91 0.24 -7.09 -10.79
C GLY A 91 0.64 -8.28 -9.97
N CYS A 92 -0.28 -9.22 -9.84
CA CYS A 92 -0.09 -10.36 -8.92
C CYS A 92 0.94 -11.40 -9.37
N GLY A 93 1.26 -11.43 -10.67
CA GLY A 93 2.21 -12.44 -11.19
C GLY A 93 1.75 -13.89 -11.03
N THR A 94 2.66 -14.76 -10.61
CA THR A 94 2.35 -16.17 -10.38
C THR A 94 1.52 -16.35 -9.10
N GLY A 95 1.42 -15.29 -8.30
CA GLY A 95 0.47 -15.28 -7.19
C GLY A 95 1.13 -15.45 -5.84
N ARG A 96 2.45 -15.36 -5.76
CA ARG A 96 3.14 -15.47 -4.52
C ARG A 96 2.43 -14.70 -3.38
N ASP A 97 2.17 -13.41 -3.61
CA ASP A 97 1.62 -12.52 -2.57
C ASP A 97 0.16 -12.78 -2.35
N VAL A 98 -0.57 -13.11 -3.41
CA VAL A 98 -1.95 -13.53 -3.25
C VAL A 98 -2.05 -14.73 -2.31
N TYR A 99 -1.21 -15.75 -2.53
CA TYR A 99 -1.30 -16.95 -1.70
C TYR A 99 -0.87 -16.66 -0.25
N LEU A 100 0.20 -15.90 -0.06
CA LEU A 100 0.57 -15.53 1.29
C LEU A 100 -0.59 -14.82 2.01
N ALA A 101 -1.26 -13.90 1.31
CA ALA A 101 -2.34 -13.17 1.96
C ALA A 101 -3.51 -14.11 2.28
N SER A 102 -3.75 -15.10 1.41
CA SER A 102 -4.85 -16.08 1.51
C SER A 102 -4.91 -16.70 2.89
N LYS A 103 -3.77 -17.21 3.33
CA LYS A 103 -3.62 -17.74 4.67
C LYS A 103 -3.87 -16.67 5.76
N LEU A 104 -3.25 -15.49 5.61
CA LEU A 104 -3.35 -14.46 6.65
C LEU A 104 -4.73 -13.86 6.77
N VAL A 105 -5.49 -13.78 5.68
CA VAL A 105 -6.85 -13.26 5.77
C VAL A 105 -7.80 -14.31 6.34
N GLY A 106 -7.38 -15.57 6.34
CA GLY A 106 -8.21 -16.65 6.84
C GLY A 106 -9.36 -16.94 5.90
N GLU A 107 -10.17 -17.91 6.27
CA GLU A 107 -11.27 -18.42 5.41
C GLU A 107 -12.43 -17.45 5.18
N HIS A 108 -12.62 -16.49 6.06
CA HIS A 108 -13.65 -15.44 5.85
C HIS A 108 -13.16 -14.29 4.91
N GLY A 109 -11.85 -14.11 4.86
CA GLY A 109 -11.25 -13.09 4.00
C GLY A 109 -11.26 -13.54 2.56
N LYS A 110 -10.82 -12.68 1.67
CA LYS A 110 -10.58 -13.14 0.33
C LYS A 110 -9.53 -12.29 -0.37
N VAL A 111 -8.87 -12.92 -1.34
CA VAL A 111 -7.81 -12.33 -2.08
C VAL A 111 -8.07 -12.44 -3.58
N ILE A 112 -7.80 -11.33 -4.26
CA ILE A 112 -7.91 -11.21 -5.70
C ILE A 112 -6.58 -10.73 -6.22
N GLY A 113 -6.09 -11.38 -7.27
CA GLY A 113 -4.95 -10.90 -8.05
C GLY A 113 -5.37 -10.48 -9.44
N VAL A 114 -4.66 -9.50 -9.97
CA VAL A 114 -4.87 -8.97 -11.33
C VAL A 114 -3.54 -8.90 -11.99
N ASP A 115 -3.49 -9.23 -13.25
CA ASP A 115 -2.26 -9.03 -14.02
C ASP A 115 -2.59 -9.27 -15.48
N MET A 116 -1.73 -8.84 -16.39
CA MET A 116 -2.01 -9.07 -17.83
C MET A 116 -1.01 -9.99 -18.53
N LEU A 117 -0.05 -10.54 -17.79
CA LEU A 117 0.91 -11.50 -18.34
C LEU A 117 0.32 -12.93 -18.34
N ASP A 118 -0.22 -13.38 -19.48
CA ASP A 118 -0.87 -14.71 -19.67
C ASP A 118 -0.16 -15.89 -19.00
N ASN A 119 1.08 -16.07 -19.44
CA ASN A 119 2.05 -16.96 -18.84
C ASN A 119 2.00 -17.03 -17.30
N GLN A 120 2.15 -15.88 -16.63
CA GLN A 120 2.20 -15.84 -15.15
C GLN A 120 0.87 -16.23 -14.48
N LEU A 121 -0.23 -15.81 -15.07
CA LEU A 121 -1.55 -16.10 -14.50
C LEU A 121 -1.87 -17.58 -14.57
N GLU A 122 -1.61 -18.18 -15.73
CA GLU A 122 -1.86 -19.59 -15.97
C GLU A 122 -1.20 -20.41 -14.85
N VAL A 123 0.05 -20.07 -14.50
CA VAL A 123 0.66 -20.64 -13.29
C VAL A 123 -0.17 -20.37 -12.03
N ALA A 124 -0.58 -19.14 -11.82
CA ALA A 124 -1.31 -18.82 -10.60
C ALA A 124 -2.62 -19.58 -10.54
N ARG A 125 -3.32 -19.58 -11.65
CA ARG A 125 -4.67 -20.13 -11.73
C ARG A 125 -4.75 -21.63 -11.44
N LYS A 126 -3.70 -22.37 -11.75
CA LYS A 126 -3.75 -23.81 -11.54
C LYS A 126 -3.20 -24.27 -10.18
N TYR A 127 -2.85 -23.38 -9.27
CA TYR A 127 -2.48 -23.85 -7.93
C TYR A 127 -3.49 -23.38 -6.89
N VAL A 128 -4.69 -23.09 -7.33
CA VAL A 128 -5.75 -22.69 -6.42
C VAL A 128 -6.08 -23.83 -5.45
N GLU A 129 -6.34 -25.03 -6.02
CA GLU A 129 -6.76 -26.19 -5.22
C GLU A 129 -5.62 -26.56 -4.29
N TYR A 130 -4.43 -26.53 -4.86
CA TYR A 130 -3.24 -26.86 -4.09
C TYR A 130 -3.27 -26.14 -2.79
N HIS A 131 -3.41 -24.83 -2.86
CA HIS A 131 -3.27 -23.96 -1.68
C HIS A 131 -4.52 -23.93 -0.78
N ALA A 132 -5.68 -24.13 -1.40
CA ALA A 132 -6.93 -24.34 -0.65
C ALA A 132 -6.89 -25.56 0.28
N GLU A 133 -6.25 -26.66 -0.13
CA GLU A 133 -6.11 -27.81 0.79
C GLU A 133 -4.97 -27.62 1.81
N LYS A 134 -3.87 -27.01 1.36
CA LYS A 134 -2.72 -26.83 2.22
C LYS A 134 -3.02 -25.82 3.34
N PHE A 135 -3.86 -24.83 3.04
CA PHE A 135 -4.29 -23.86 4.06
C PHE A 135 -5.60 -24.22 4.75
N PHE A 136 -6.51 -24.86 4.03
CA PHE A 136 -7.88 -25.03 4.55
C PHE A 136 -8.45 -26.46 4.46
N GLY A 137 -7.58 -27.48 4.38
CA GLY A 137 -7.97 -28.89 4.48
C GLY A 137 -8.83 -29.51 3.39
N SER A 138 -9.47 -28.69 2.56
CA SER A 138 -10.23 -29.17 1.39
C SER A 138 -9.84 -28.37 0.14
N PRO A 139 -9.69 -29.04 -1.01
CA PRO A 139 -9.31 -28.35 -2.25
C PRO A 139 -10.38 -27.46 -2.88
N SER A 140 -11.62 -27.53 -2.40
CA SER A 140 -12.70 -26.69 -2.94
C SER A 140 -13.01 -25.45 -2.06
N ARG A 141 -12.13 -25.16 -1.10
CA ARG A 141 -12.34 -24.09 -0.14
C ARG A 141 -11.34 -22.92 -0.32
N SER A 142 -10.99 -22.63 -1.56
CA SER A 142 -10.15 -21.48 -1.86
C SER A 142 -10.86 -20.15 -1.64
N ASN A 143 -10.16 -19.23 -0.99
CA ASN A 143 -10.63 -17.87 -0.88
C ASN A 143 -9.86 -16.94 -1.82
N VAL A 144 -9.43 -17.41 -2.99
CA VAL A 144 -8.71 -16.56 -3.93
C VAL A 144 -9.19 -16.68 -5.37
N ARG A 145 -8.86 -15.70 -6.18
CA ARG A 145 -9.11 -15.76 -7.61
C ARG A 145 -8.19 -14.84 -8.41
N PHE A 146 -7.92 -15.20 -9.66
CA PHE A 146 -7.07 -14.43 -10.50
C PHE A 146 -7.84 -13.93 -11.69
N LEU A 147 -7.63 -12.65 -11.96
CA LEU A 147 -8.33 -11.92 -12.98
C LEU A 147 -7.28 -11.38 -13.95
N LYS A 148 -7.68 -11.26 -15.20
CA LYS A 148 -6.82 -10.90 -16.29
C LYS A 148 -7.32 -9.57 -16.76
N GLY A 149 -6.42 -8.57 -16.81
CA GLY A 149 -6.80 -7.23 -17.26
C GLY A 149 -5.74 -6.20 -16.93
N PHE A 150 -5.92 -5.02 -17.50
CA PHE A 150 -5.08 -3.88 -17.17
C PHE A 150 -5.49 -3.38 -15.79
N ILE A 151 -4.48 -3.13 -14.98
CA ILE A 151 -4.70 -2.61 -13.61
C ILE A 151 -5.39 -1.25 -13.65
N GLU A 152 -5.23 -0.55 -14.78
CA GLU A 152 -5.84 0.76 -15.02
C GLU A 152 -7.35 0.68 -15.17
N ASN A 153 -7.88 -0.46 -15.60
CA ASN A 153 -9.33 -0.66 -15.66
C ASN A 153 -9.71 -2.02 -15.08
N LEU A 154 -9.95 -2.04 -13.77
CA LEU A 154 -10.29 -3.25 -13.08
C LEU A 154 -11.69 -3.68 -13.45
N ALA A 155 -12.53 -2.73 -13.83
CA ALA A 155 -13.95 -2.99 -14.13
C ALA A 155 -14.17 -4.01 -15.26
N THR A 156 -13.26 -4.02 -16.24
CA THR A 156 -13.33 -4.96 -17.42
C THR A 156 -12.39 -6.20 -17.36
N ALA A 157 -11.81 -6.52 -16.21
CA ALA A 157 -11.00 -7.72 -16.11
C ALA A 157 -11.86 -8.96 -16.39
N GLU A 158 -11.21 -10.09 -16.68
CA GLU A 158 -11.93 -11.31 -17.01
C GLU A 158 -11.89 -12.37 -15.94
N PRO A 159 -12.67 -13.43 -16.14
CA PRO A 159 -13.97 -13.79 -15.57
C PRO A 159 -14.84 -12.58 -15.24
N GLU A 160 -14.44 -11.77 -14.25
CA GLU A 160 -15.27 -10.66 -13.75
C GLU A 160 -14.46 -9.44 -13.39
N GLY A 161 -15.16 -8.31 -13.34
CA GLY A 161 -14.55 -7.07 -12.90
C GLY A 161 -14.63 -6.88 -11.40
N VAL A 162 -13.84 -5.94 -10.91
CA VAL A 162 -13.84 -5.64 -9.51
C VAL A 162 -14.90 -4.58 -9.37
N PRO A 163 -15.92 -4.83 -8.56
CA PRO A 163 -16.96 -3.83 -8.37
C PRO A 163 -16.57 -2.70 -7.44
N ASP A 164 -17.41 -1.67 -7.43
CA ASP A 164 -17.26 -0.54 -6.58
C ASP A 164 -17.27 -0.95 -5.11
N SER A 165 -16.48 -0.26 -4.32
CA SER A 165 -16.53 -0.40 -2.90
C SER A 165 -16.52 -1.82 -2.41
N SER A 166 -15.67 -2.65 -3.02
CA SER A 166 -15.59 -4.05 -2.64
C SER A 166 -14.34 -4.49 -1.93
N VAL A 167 -13.37 -3.59 -1.70
CA VAL A 167 -12.02 -4.01 -1.28
C VAL A 167 -11.57 -3.27 -0.03
N ASP A 168 -10.95 -3.99 0.89
CA ASP A 168 -10.43 -3.41 2.13
C ASP A 168 -9.00 -2.92 1.98
N ILE A 169 -8.14 -3.69 1.30
CA ILE A 169 -6.73 -3.35 1.15
C ILE A 169 -6.28 -3.64 -0.25
N VAL A 170 -5.67 -2.64 -0.90
CA VAL A 170 -5.06 -2.83 -2.20
C VAL A 170 -3.58 -2.73 -2.02
N ILE A 171 -2.89 -3.77 -2.46
CA ILE A 171 -1.47 -3.82 -2.45
C ILE A 171 -0.89 -3.88 -3.85
N SER A 172 0.35 -3.42 -3.96
CA SER A 172 1.13 -3.47 -5.22
C SER A 172 2.57 -3.16 -4.92
N ASN A 173 3.47 -3.63 -5.76
CA ASN A 173 4.86 -3.31 -5.59
C ASN A 173 5.40 -2.94 -6.93
N CYS A 174 5.68 -1.65 -7.07
CA CYS A 174 6.42 -1.11 -8.22
C CYS A 174 5.65 -1.22 -9.55
N VAL A 175 4.36 -0.87 -9.51
CA VAL A 175 3.51 -0.92 -10.72
C VAL A 175 3.26 0.42 -11.37
N CYS A 176 3.35 1.50 -10.60
CA CYS A 176 2.91 2.81 -11.11
C CYS A 176 3.76 3.45 -12.21
N ASN A 177 5.06 3.24 -12.12
CA ASN A 177 6.01 3.96 -12.97
C ASN A 177 6.12 3.35 -14.35
N LEU A 178 5.66 2.11 -14.46
CA LEU A 178 5.56 1.43 -15.74
C LEU A 178 4.16 1.55 -16.28
N SER A 179 3.35 2.37 -15.63
CA SER A 179 1.95 2.43 -15.95
C SER A 179 1.75 3.54 -16.95
N THR A 180 0.68 3.39 -17.73
CA THR A 180 0.40 4.22 -18.92
C THR A 180 -0.29 5.54 -18.55
N ASN A 181 -1.12 5.47 -17.50
CA ASN A 181 -1.87 6.61 -16.99
C ASN A 181 -2.00 6.46 -15.47
N LYS A 182 -1.15 7.20 -14.72
CA LYS A 182 -1.09 7.04 -13.25
C LYS A 182 -2.39 7.50 -12.59
N LEU A 183 -2.94 8.61 -13.08
CA LEU A 183 -4.19 9.15 -12.53
C LEU A 183 -5.34 8.19 -12.64
N ALA A 184 -5.39 7.45 -13.74
CA ALA A 184 -6.52 6.57 -14.01
C ALA A 184 -6.36 5.36 -13.10
N LEU A 185 -5.15 4.89 -12.95
CA LEU A 185 -4.85 3.84 -11.95
C LEU A 185 -5.33 4.26 -10.57
N PHE A 186 -4.97 5.45 -10.12
CA PHE A 186 -5.36 5.87 -8.78
C PHE A 186 -6.85 6.06 -8.65
N LYS A 187 -7.47 6.70 -9.63
CA LYS A 187 -8.90 6.79 -9.61
C LYS A 187 -9.56 5.41 -9.51
N GLU A 188 -9.01 4.43 -10.21
CA GLU A 188 -9.57 3.10 -10.17
C GLU A 188 -9.39 2.39 -8.86
N ILE A 189 -8.23 2.55 -8.23
CA ILE A 189 -8.04 2.09 -6.84
C ILE A 189 -9.05 2.71 -5.92
N HIS A 190 -9.27 4.01 -6.04
CA HIS A 190 -10.22 4.66 -5.18
C HIS A 190 -11.64 4.10 -5.43
N ARG A 191 -12.01 3.85 -6.69
CA ARG A 191 -13.34 3.28 -6.98
C ARG A 191 -13.54 1.96 -6.27
N VAL A 192 -12.60 1.04 -6.39
CA VAL A 192 -12.82 -0.30 -5.85
C VAL A 192 -12.76 -0.42 -4.32
N LEU A 193 -12.07 0.52 -3.67
CA LEU A 193 -11.95 0.50 -2.23
C LEU A 193 -13.29 0.87 -1.57
N ARG A 194 -13.56 0.24 -0.42
CA ARG A 194 -14.69 0.65 0.41
C ARG A 194 -14.27 1.76 1.38
N ASP A 195 -15.23 2.43 2.04
CA ASP A 195 -14.86 3.50 2.99
C ASP A 195 -14.09 2.82 4.13
N GLY A 196 -13.03 3.47 4.61
CA GLY A 196 -12.14 2.86 5.62
C GLY A 196 -11.05 1.96 5.07
N GLY A 197 -11.14 1.57 3.80
CA GLY A 197 -10.10 0.81 3.15
C GLY A 197 -8.85 1.58 2.76
N GLU A 198 -7.80 0.83 2.43
CA GLU A 198 -6.50 1.49 2.18
C GLU A 198 -5.72 0.93 1.02
N LEU A 199 -4.99 1.85 0.38
CA LEU A 199 -3.96 1.55 -0.58
C LEU A 199 -2.67 1.58 0.20
N TYR A 200 -2.02 0.44 0.20
CA TYR A 200 -0.89 0.18 1.03
C TYR A 200 0.15 -0.35 0.10
N PHE A 201 1.08 0.51 -0.31
CA PHE A 201 1.95 0.14 -1.42
C PHE A 201 3.32 0.78 -1.44
N SER A 202 4.21 0.15 -2.19
CA SER A 202 5.61 0.55 -2.35
C SER A 202 5.87 0.92 -3.79
N ASP A 203 6.56 2.04 -4.00
CA ASP A 203 7.04 2.41 -5.33
C ASP A 203 8.27 3.28 -5.26
N VAL A 204 8.80 3.63 -6.41
CA VAL A 204 9.94 4.48 -6.55
C VAL A 204 9.50 5.91 -6.82
N TYR A 205 10.05 6.85 -6.05
CA TYR A 205 9.76 8.26 -6.20
C TYR A 205 11.02 9.01 -6.28
N ALA A 206 10.97 10.28 -6.66
CA ALA A 206 12.14 11.13 -6.82
C ALA A 206 11.98 12.40 -6.04
N ASP A 207 13.12 12.99 -5.67
CA ASP A 207 13.17 14.22 -4.92
C ASP A 207 13.13 15.43 -5.86
N ARG A 208 13.06 15.19 -7.18
CA ARG A 208 12.79 16.29 -8.10
C ARG A 208 12.22 15.84 -9.47
N ARG A 209 11.92 16.77 -10.36
CA ARG A 209 11.20 16.38 -11.60
C ARG A 209 12.25 15.92 -12.58
N LEU A 210 12.06 14.74 -13.10
CA LEU A 210 13.01 14.25 -14.08
C LEU A 210 12.86 15.03 -15.41
N SER A 211 13.97 15.15 -16.14
CA SER A 211 14.03 15.83 -17.44
C SER A 211 13.34 14.98 -18.51
N GLU A 212 12.88 15.60 -19.61
CA GLU A 212 12.28 14.82 -20.72
CA GLU A 212 12.27 14.79 -20.70
C GLU A 212 13.23 13.75 -21.24
N ALA A 213 14.53 14.07 -21.27
CA ALA A 213 15.61 13.11 -21.65
C ALA A 213 15.60 11.86 -20.77
N ALA A 214 15.47 12.06 -19.47
CA ALA A 214 15.47 10.92 -18.56
C ALA A 214 14.18 10.15 -18.74
N GLN A 215 13.10 10.85 -19.02
CA GLN A 215 11.81 10.14 -19.20
C GLN A 215 11.76 9.33 -20.48
N GLN A 216 12.63 9.64 -21.44
CA GLN A 216 12.64 8.95 -22.75
C GLN A 216 13.57 7.74 -22.79
N ASP A 217 14.48 7.66 -21.83
CA ASP A 217 15.48 6.61 -21.86
C ASP A 217 14.90 5.23 -21.55
N PRO A 218 15.12 4.29 -22.46
CA PRO A 218 14.52 2.97 -22.23
C PRO A 218 15.08 2.10 -21.11
N ILE A 219 16.35 2.32 -20.70
CA ILE A 219 16.89 1.50 -19.64
C ILE A 219 16.32 2.02 -18.31
N LEU A 220 16.41 3.32 -18.11
CA LEU A 220 15.73 3.98 -17.01
C LEU A 220 14.25 3.66 -16.87
N TYR A 221 13.50 3.65 -17.97
CA TYR A 221 12.08 3.34 -17.95
C TYR A 221 11.88 1.96 -17.41
N GLY A 222 12.62 1.01 -17.99
CA GLY A 222 12.51 -0.37 -17.60
C GLY A 222 12.89 -0.64 -16.15
N GLU A 223 13.76 0.18 -15.55
CA GLU A 223 14.12 0.03 -14.14
C GLU A 223 13.13 0.75 -13.24
N CYS A 224 12.10 1.34 -13.84
CA CYS A 224 11.04 2.00 -13.13
C CYS A 224 11.52 3.26 -12.46
N LEU A 225 12.61 3.80 -12.94
CA LEU A 225 13.09 5.10 -12.48
C LEU A 225 12.57 6.21 -13.41
N GLY A 226 12.58 5.90 -14.70
CA GLY A 226 12.22 6.83 -15.75
C GLY A 226 10.85 7.45 -15.57
N GLY A 227 9.90 6.62 -15.18
CA GLY A 227 8.53 7.08 -14.89
C GLY A 227 8.25 7.56 -13.45
N ALA A 228 9.29 7.67 -12.60
CA ALA A 228 9.12 8.14 -11.22
C ALA A 228 8.65 9.60 -11.13
N LEU A 229 7.64 9.82 -10.29
CA LEU A 229 7.13 11.13 -9.95
C LEU A 229 7.97 11.85 -8.86
N TYR A 230 8.13 13.14 -9.02
CA TYR A 230 8.53 14.01 -7.93
C TYR A 230 7.50 13.82 -6.84
N LEU A 231 7.93 13.71 -5.59
CA LEU A 231 7.00 13.32 -4.53
C LEU A 231 5.84 14.31 -4.39
N GLU A 232 6.12 15.59 -4.54
CA GLU A 232 5.02 16.57 -4.49
C GLU A 232 4.02 16.41 -5.67
N ASP A 233 4.52 16.05 -6.86
CA ASP A 233 3.61 15.82 -8.01
C ASP A 233 2.78 14.59 -7.67
N PHE A 234 3.40 13.63 -7.01
CA PHE A 234 2.68 12.46 -6.52
C PHE A 234 1.53 12.85 -5.56
N ARG A 235 1.85 13.65 -4.53
CA ARG A 235 0.85 14.01 -3.53
CA ARG A 235 0.86 14.04 -3.53
C ARG A 235 -0.36 14.72 -4.18
N ARG A 236 -0.13 15.57 -5.14
CA ARG A 236 -1.22 16.28 -5.83
C ARG A 236 -2.08 15.36 -6.72
N LEU A 237 -1.41 14.48 -7.43
CA LEU A 237 -2.12 13.55 -8.32
C LEU A 237 -3.03 12.61 -7.55
N VAL A 238 -2.49 12.08 -6.47
CA VAL A 238 -3.22 11.12 -5.72
CA VAL A 238 -3.20 11.13 -5.66
C VAL A 238 -4.39 11.80 -5.02
N ALA A 239 -4.22 13.07 -4.66
CA ALA A 239 -5.31 13.86 -4.07
C ALA A 239 -6.39 14.16 -5.15
N GLU A 240 -5.96 14.47 -6.35
CA GLU A 240 -6.93 14.64 -7.42
C GLU A 240 -7.70 13.32 -7.61
N ALA A 241 -7.07 12.17 -7.32
CA ALA A 241 -7.77 10.90 -7.38
C ALA A 241 -8.70 10.62 -6.22
N GLY A 242 -8.72 11.47 -5.21
CA GLY A 242 -9.61 11.30 -4.06
C GLY A 242 -8.90 11.04 -2.72
N PHE A 243 -7.59 10.80 -2.71
CA PHE A 243 -6.91 10.39 -1.46
C PHE A 243 -6.23 11.57 -0.85
N ARG A 244 -6.83 12.14 0.19
CA ARG A 244 -6.39 13.45 0.67
C ARG A 244 -5.28 13.38 1.73
N ASP A 245 -5.02 12.19 2.28
CA ASP A 245 -4.03 12.03 3.33
C ASP A 245 -3.14 10.84 3.07
N VAL A 246 -1.90 11.14 2.79
CA VAL A 246 -0.94 10.18 2.42
C VAL A 246 0.01 10.02 3.58
N ARG A 247 0.21 8.77 4.05
CA ARG A 247 1.00 8.48 5.24
C ARG A 247 2.20 7.64 4.89
N LEU A 248 3.36 8.12 5.31
CA LEU A 248 4.60 7.43 5.06
C LEU A 248 4.80 6.30 6.07
N VAL A 249 5.01 5.08 5.58
CA VAL A 249 5.27 3.92 6.44
C VAL A 249 6.77 3.67 6.57
N SER A 250 7.46 3.60 5.42
CA SER A 250 8.90 3.45 5.38
C SER A 250 9.44 3.98 4.07
N VAL A 251 10.75 4.21 4.12
CA VAL A 251 11.50 4.71 3.02
C VAL A 251 12.92 4.12 3.00
N GLY A 252 13.34 3.64 1.83
CA GLY A 252 14.74 3.24 1.54
C GLY A 252 15.38 4.07 0.39
N PRO A 253 16.72 4.24 0.40
CA PRO A 253 17.32 4.94 -0.77
C PRO A 253 17.45 4.02 -1.97
N VAL A 254 17.51 4.58 -3.16
CA VAL A 254 17.74 3.82 -4.36
C VAL A 254 18.83 4.58 -5.09
N ASP A 255 19.88 3.89 -5.50
CA ASP A 255 21.02 4.57 -6.14
C ASP A 255 21.08 4.20 -7.60
N VAL A 256 21.51 5.15 -8.40
CA VAL A 256 21.88 4.87 -9.77
C VAL A 256 23.38 5.06 -9.76
N SER A 257 24.09 3.96 -10.03
CA SER A 257 25.56 3.98 -10.05
C SER A 257 26.12 4.10 -11.47
N ASP A 258 25.69 3.24 -12.42
CA ASP A 258 26.11 3.32 -13.88
C ASP A 258 26.25 4.76 -14.40
N PRO A 259 27.50 5.22 -14.65
CA PRO A 259 27.84 6.62 -14.94
C PRO A 259 27.07 7.35 -16.06
N GLN A 260 26.62 6.62 -17.08
CA GLN A 260 25.95 7.27 -18.20
C GLN A 260 24.46 7.40 -17.90
N LEU A 261 23.89 6.39 -17.22
CA LEU A 261 22.53 6.49 -16.72
C LEU A 261 22.42 7.66 -15.76
N ARG A 262 23.36 7.70 -14.79
CA ARG A 262 23.45 8.78 -13.81
C ARG A 262 23.48 10.17 -14.46
N LYS A 263 24.12 10.27 -15.61
CA LYS A 263 24.23 11.53 -16.36
C LYS A 263 22.88 12.09 -16.86
N LEU A 264 21.89 11.22 -17.03
CA LEU A 264 20.54 11.67 -17.36
C LEU A 264 19.83 12.18 -16.14
N VAL A 265 20.26 11.70 -14.95
CA VAL A 265 19.64 12.11 -13.66
C VAL A 265 20.68 12.60 -12.62
N PRO A 266 21.46 13.64 -12.98
CA PRO A 266 22.72 13.94 -12.26
C PRO A 266 22.59 13.96 -10.73
N ASP A 267 21.81 14.89 -10.21
CA ASP A 267 21.66 15.11 -8.77
C ASP A 267 20.35 14.59 -8.16
N VAL A 268 19.62 13.80 -8.93
CA VAL A 268 18.37 13.27 -8.51
C VAL A 268 18.51 12.23 -7.40
N GLN A 269 17.75 12.35 -6.30
CA GLN A 269 17.75 11.27 -5.27
C GLN A 269 16.45 10.51 -5.41
N PHE A 270 16.55 9.22 -5.65
CA PHE A 270 15.40 8.35 -5.66
C PHE A 270 15.22 7.63 -4.33
N TYR A 271 13.98 7.27 -4.05
CA TYR A 271 13.64 6.63 -2.82
C TYR A 271 12.62 5.57 -3.11
N SER A 272 12.71 4.49 -2.36
CA SER A 272 11.68 3.48 -2.35
C SER A 272 10.78 3.75 -1.18
N CYS A 273 9.54 4.18 -1.48
CA CYS A 273 8.62 4.52 -0.41
C CYS A 273 7.44 3.58 -0.31
N THR A 274 7.12 3.18 0.92
CA THR A 274 5.88 2.49 1.20
C THR A 274 4.97 3.55 1.83
N PHE A 275 3.82 3.78 1.18
CA PHE A 275 2.80 4.71 1.65
C PHE A 275 1.48 3.99 1.90
N ARG A 276 0.63 4.57 2.75
CA ARG A 276 -0.72 4.08 2.92
C ARG A 276 -1.66 5.25 2.78
N CYS A 277 -2.63 5.07 1.94
CA CYS A 277 -3.54 6.15 1.59
C CYS A 277 -4.95 5.62 1.87
N PHE A 278 -5.56 6.05 2.97
CA PHE A 278 -6.91 5.61 3.32
C PHE A 278 -8.00 6.32 2.53
N LYS A 279 -9.07 5.60 2.23
CA LYS A 279 -10.22 6.19 1.63
C LYS A 279 -11.26 6.39 2.71
N VAL A 280 -11.38 7.61 3.18
CA VAL A 280 -12.23 7.97 4.28
C VAL A 280 -12.84 9.34 3.96
N ALA A 281 -14.17 9.36 3.87
CA ALA A 281 -14.95 10.53 3.40
C ALA A 281 -14.66 11.79 4.19
N THR A 282 -14.45 11.63 5.49
CA THR A 282 -14.27 12.76 6.37
C THR A 282 -12.86 13.36 6.46
N LEU A 283 -11.89 12.87 5.69
CA LEU A 283 -10.53 13.41 5.81
C LEU A 283 -10.42 14.80 5.23
N GLU A 284 -9.64 15.66 5.89
CA GLU A 284 -9.31 16.99 5.32
C GLU A 284 -7.92 16.98 4.77
N ALA A 285 -7.53 18.04 4.08
CA ALA A 285 -6.17 18.20 3.57
C ALA A 285 -5.20 18.52 4.70
N THR A 286 -5.68 19.13 5.79
CA THR A 286 -4.79 19.47 6.90
C THR A 286 -5.09 18.61 8.10
N ARG A 287 -4.13 18.64 9.03
CA ARG A 287 -4.12 17.80 10.21
C ARG A 287 -4.44 18.64 11.47
N GLU A 288 -5.70 18.53 11.89
CA GLU A 288 -6.36 19.47 12.77
C GLU A 288 -6.59 18.82 14.09
N ASP A 289 -6.44 19.59 15.16
CA ASP A 289 -6.62 19.07 16.53
C ASP A 289 -8.03 19.31 16.98
N TYR A 290 -8.75 18.25 17.30
CA TYR A 290 -10.01 18.35 17.98
C TYR A 290 -9.95 17.70 19.37
N GLY A 291 -8.77 17.70 19.99
CA GLY A 291 -8.62 17.21 21.37
C GLY A 291 -8.70 15.70 21.59
N GLN A 292 -8.60 14.90 20.54
CA GLN A 292 -8.77 13.46 20.67
C GLN A 292 -7.53 12.70 21.11
N SER A 293 -7.81 11.54 21.69
CA SER A 293 -6.88 10.46 21.93
C SER A 293 -7.40 9.13 21.36
N ALA A 294 -6.47 8.33 20.87
CA ALA A 294 -6.73 6.95 20.50
C ALA A 294 -5.91 6.03 21.41
N THR A 295 -6.49 4.88 21.70
CA THR A 295 -5.81 3.89 22.52
C THR A 295 -5.92 2.53 21.85
N TYR A 296 -4.77 1.98 21.50
CA TYR A 296 -4.65 0.64 20.93
C TYR A 296 -4.95 -0.37 22.03
N LEU A 297 -5.90 -1.24 21.77
CA LEU A 297 -6.43 -2.12 22.83
C LEU A 297 -5.64 -3.39 23.01
N GLY A 298 -4.78 -3.73 22.05
CA GLY A 298 -4.09 -5.02 21.99
C GLY A 298 -4.73 -5.95 21.00
N GLY A 299 -4.04 -7.04 20.68
CA GLY A 299 -4.65 -8.15 19.94
C GLY A 299 -3.91 -8.46 18.64
N ILE A 300 -3.24 -7.46 18.11
CA ILE A 300 -2.57 -7.65 16.85
C ILE A 300 -1.11 -7.25 16.93
N GLY A 301 -0.55 -7.41 18.13
CA GLY A 301 0.86 -7.19 18.35
C GLY A 301 1.03 -6.47 19.66
N GLU A 302 2.26 -6.38 20.11
CA GLU A 302 2.54 -5.68 21.32
C GLU A 302 2.21 -4.20 21.16
N GLU A 303 2.46 -3.63 19.97
CA GLU A 303 2.06 -2.26 19.70
C GLU A 303 1.64 -2.06 18.26
N PHE A 304 0.96 -0.96 17.98
CA PHE A 304 0.53 -0.69 16.61
C PHE A 304 1.17 0.58 16.06
N LYS A 305 1.89 0.39 14.97
CA LYS A 305 2.60 1.45 14.25
C LYS A 305 1.72 1.80 13.05
N LEU A 306 1.06 2.94 13.11
CA LEU A 306 0.26 3.42 12.02
C LEU A 306 1.12 3.99 10.87
N ASP A 307 2.03 4.86 11.21
CA ASP A 307 2.94 5.44 10.25
C ASP A 307 4.17 5.97 11.02
N ARG A 308 5.06 6.68 10.35
CA ARG A 308 6.31 7.12 10.98
C ARG A 308 6.09 8.21 12.04
N PHE A 309 4.86 8.74 12.20
CA PHE A 309 4.54 9.71 13.24
C PHE A 309 3.78 9.16 14.43
N PHE A 310 3.00 8.11 14.17
CA PHE A 310 2.09 7.53 15.12
C PHE A 310 2.31 6.09 15.46
N THR A 311 2.82 5.89 16.67
CA THR A 311 2.96 4.57 17.31
C THR A 311 2.09 4.55 18.58
N PHE A 312 1.35 3.48 18.72
CA PHE A 312 0.36 3.34 19.79
C PHE A 312 0.71 2.11 20.70
N PRO A 313 1.30 2.35 21.87
CA PRO A 313 1.61 1.21 22.76
C PRO A 313 0.32 0.65 23.30
N ARG A 314 0.29 -0.65 23.59
CA ARG A 314 -0.90 -1.33 24.06
C ARG A 314 -1.41 -0.57 25.30
N GLU A 315 -2.70 -0.26 25.34
CA GLU A 315 -3.31 0.49 26.44
C GLU A 315 -2.71 1.82 26.90
N LYS A 316 -1.92 2.50 26.08
CA LYS A 316 -1.49 3.87 26.43
C LYS A 316 -2.18 4.88 25.50
N PRO A 317 -2.83 5.90 26.09
CA PRO A 317 -3.57 6.89 25.27
C PRO A 317 -2.59 7.78 24.54
N VAL A 318 -2.80 7.96 23.23
CA VAL A 318 -1.92 8.82 22.41
C VAL A 318 -2.79 9.88 21.76
N ARG A 319 -2.36 11.11 21.91
CA ARG A 319 -3.04 12.23 21.29
C ARG A 319 -2.95 12.16 19.77
N VAL A 320 -4.06 12.48 19.09
CA VAL A 320 -4.12 12.38 17.59
C VAL A 320 -4.90 13.52 16.96
N ASP A 321 -4.49 13.92 15.76
CA ASP A 321 -5.30 14.79 14.91
C ASP A 321 -6.54 14.06 14.49
N ARG A 322 -7.53 14.84 14.05
CA ARG A 322 -8.79 14.30 13.62
C ARG A 322 -8.74 13.42 12.39
N ASN A 323 -7.88 13.73 11.39
CA ASN A 323 -7.70 12.75 10.27
C ASN A 323 -7.35 11.32 10.78
N THR A 324 -6.37 11.27 11.69
CA THR A 324 -5.87 10.00 12.22
C THR A 324 -6.98 9.30 12.97
N ALA A 325 -7.78 10.05 13.73
CA ALA A 325 -8.94 9.48 14.44
C ALA A 325 -10.00 8.91 13.50
N GLU A 326 -10.33 9.66 12.47
CA GLU A 326 -11.30 9.20 11.46
C GLU A 326 -10.82 7.92 10.75
N ILE A 327 -9.52 7.83 10.45
CA ILE A 327 -8.94 6.62 9.83
C ILE A 327 -9.09 5.39 10.72
N ILE A 328 -8.75 5.58 11.97
CA ILE A 328 -8.98 4.58 12.97
C ILE A 328 -10.41 4.22 13.14
N ARG A 329 -11.28 5.21 13.30
CA ARG A 329 -12.73 4.95 13.44
C ARG A 329 -13.37 4.32 12.21
N HIS A 330 -13.09 4.80 11.00
CA HIS A 330 -13.79 4.22 9.81
C HIS A 330 -13.07 3.04 9.17
N SER A 331 -11.80 2.81 9.52
CA SER A 331 -11.11 1.65 8.96
C SER A 331 -11.43 0.40 9.74
N ARG A 332 -10.93 -0.73 9.22
CA ARG A 332 -10.95 -2.00 9.95
C ARG A 332 -10.22 -1.88 11.28
N LEU A 333 -9.40 -0.86 11.45
CA LEU A 333 -8.60 -0.79 12.68
C LEU A 333 -9.41 -0.51 13.94
N HIS A 334 -10.66 -0.02 13.78
CA HIS A 334 -11.56 0.32 14.89
CA HIS A 334 -11.49 0.36 14.93
C HIS A 334 -11.67 -0.82 15.91
N GLN A 335 -11.55 -2.04 15.42
CA GLN A 335 -11.72 -3.25 16.20
C GLN A 335 -10.70 -3.32 17.29
N TRP A 336 -9.50 -2.77 17.09
CA TRP A 336 -8.43 -2.85 18.08
C TRP A 336 -8.08 -1.56 18.74
N PHE A 337 -8.98 -0.59 18.69
CA PHE A 337 -8.69 0.74 19.23
C PHE A 337 -9.90 1.33 19.88
N SER A 338 -9.65 2.20 20.84
CA SER A 338 -10.63 3.13 21.39
C SER A 338 -10.24 4.56 21.00
N VAL A 339 -11.17 5.28 20.37
CA VAL A 339 -10.95 6.65 19.96
C VAL A 339 -11.90 7.59 20.65
N SER A 340 -11.37 8.61 21.29
CA SER A 340 -12.18 9.51 22.09
C SER A 340 -12.93 10.49 21.25
N ALA A 341 -13.94 11.12 21.84
CA ALA A 341 -14.85 12.07 21.13
C ALA A 341 -14.19 13.36 20.70
N GLU A 342 -14.63 13.91 19.56
CA GLU A 342 -14.23 15.23 19.07
C GLU A 342 -14.70 16.30 20.03
N GLN A 343 -13.77 17.12 20.51
CA GLN A 343 -14.06 18.31 21.28
C GLN A 343 -14.20 19.52 20.34
N GLN A 344 -14.09 20.73 20.88
CA GLN A 344 -13.92 21.92 20.06
C GLN A 344 -12.53 21.97 19.36
N HIS A 345 -12.51 22.65 18.22
CA HIS A 345 -11.34 22.77 17.38
C HIS A 345 -10.26 23.50 18.10
N MET A 346 -9.04 23.02 18.03
CA MET A 346 -7.96 23.63 18.77
C MET A 346 -6.83 24.20 17.88
N GLY A 347 -7.04 24.24 16.57
CA GLY A 347 -5.97 24.69 15.66
C GLY A 347 -5.29 23.49 15.09
N LEU A 348 -4.13 23.71 14.50
CA LEU A 348 -3.39 22.61 13.90
C LEU A 348 -2.85 21.71 15.00
N PHE A 349 -2.68 20.43 14.69
CA PHE A 349 -2.22 19.46 15.68
C PHE A 349 -0.73 19.55 15.99
N LYS A 350 -0.37 19.73 17.25
CA LYS A 350 1.02 19.90 17.64
C LYS A 350 1.46 18.93 18.70
N ALA A 351 0.57 18.07 19.17
CA ALA A 351 0.88 17.22 20.29
C ALA A 351 1.54 15.93 19.84
N ASN A 352 2.66 16.13 19.14
CA ASN A 352 3.43 15.02 18.58
C ASN A 352 4.86 15.51 18.62
N ASP A 353 5.82 14.64 18.87
CA ASP A 353 7.17 15.17 19.01
C ASP A 353 7.89 15.51 17.67
N SER A 354 7.25 15.21 16.54
CA SER A 354 7.73 15.65 15.23
C SER A 354 6.63 16.45 14.53
N TYR A 355 5.95 17.33 15.24
CA TYR A 355 4.78 17.95 14.63
C TYR A 355 5.11 18.83 13.40
N ALA A 356 6.24 19.53 13.42
CA ALA A 356 6.61 20.38 12.30
C ALA A 356 6.75 19.52 11.07
N LEU A 357 7.37 18.34 11.19
CA LEU A 357 7.52 17.46 10.04
C LEU A 357 6.22 16.83 9.57
N LEU A 358 5.34 16.56 10.53
CA LEU A 358 4.02 16.04 10.28
C LEU A 358 3.21 16.94 9.31
N HIS A 359 3.35 18.23 9.44
CA HIS A 359 2.73 19.18 8.54
C HIS A 359 3.57 19.54 7.32
N ALA A 360 4.79 19.04 7.22
CA ALA A 360 5.68 19.52 6.12
C ALA A 360 5.34 18.75 4.84
N PRO A 361 5.79 19.25 3.71
CA PRO A 361 5.63 18.47 2.48
C PRO A 361 6.29 17.10 2.55
N LEU A 362 5.74 16.17 1.77
CA LEU A 362 6.18 14.77 1.71
C LEU A 362 7.65 14.65 1.50
N SER A 363 8.11 15.52 0.63
CA SER A 363 9.54 15.59 0.30
C SER A 363 10.43 15.71 1.53
N MET A 364 10.04 16.59 2.47
CA MET A 364 10.85 16.80 3.70
C MET A 364 10.68 15.64 4.66
N GLN A 365 9.50 15.04 4.68
CA GLN A 365 9.29 13.89 5.55
C GLN A 365 10.20 12.71 5.11
N VAL A 366 10.18 12.43 3.83
CA VAL A 366 10.94 11.33 3.29
C VAL A 366 12.42 11.52 3.51
N GLU A 367 12.95 12.66 3.18
CA GLU A 367 14.39 12.82 3.23
C GLU A 367 14.92 12.81 4.64
N GLN A 368 14.16 13.37 5.56
CA GLN A 368 14.58 13.43 6.96
C GLN A 368 14.47 12.07 7.59
N LEU A 369 13.46 11.31 7.19
CA LEU A 369 13.17 10.05 7.84
C LEU A 369 13.83 8.87 7.11
N VAL A 370 14.76 9.18 6.18
CA VAL A 370 15.84 8.23 5.82
CA VAL A 370 15.83 8.21 5.82
C VAL A 370 17.06 8.50 6.70
N SER A 371 17.58 9.72 6.65
CA SER A 371 18.83 10.08 7.34
C SER A 371 18.65 10.10 8.86
CA CA B . 3.67 -8.10 -7.91
#